data_3KU2
#
_entry.id   3KU2
#
_cell.length_a   48.010
_cell.length_b   72.912
_cell.length_c   65.018
_cell.angle_alpha   90.00
_cell.angle_beta   96.26
_cell.angle_gamma   90.00
#
_symmetry.space_group_name_H-M   'P 1 21 1'
#
loop_
_entity.id
_entity.type
_entity.pdbx_description
1 polymer 'Calmodulin-domain protein kinase 1'
2 non-polymer 'PHOSPHOAMINOPHOSPHONIC ACID-ADENYLATE ESTER'
3 non-polymer 'UNKNOWN ATOM OR ION'
4 water water
#
_entity_poly.entity_id   1
_entity_poly.type   'polypeptide(L)'
_entity_poly.pdbx_seq_one_letter_code
;MGQQESTLGGAAGEPRSRGHAAGTSGGPGDHLHATPGMFVQHSTAIFSDRYKGQRVLGKGSFGEVILCKDKITGQECAVK
VISKRQVKQKTDKESLLREVQLLKQLDHPNIMKLYEFFEDKGYFYLVGEVYTGGELFDEIISRKRFSEVDAARIIRQVLS
GITYMHKNKIVHRDLKPENLLLESKSKDANIRIIDFGLSTHFEASKKMKDKIGTAYYIAPEVLHGTYDEKCDVWSTGVIL
YILLSGCPPFNGANEYDILKKVEKGKYTFELPQWKKVSESAKDLIRKMLTYVPSMRISARDALDHEWIQTYTKEQISVDV
PSLDNAILNIRQFQGTQKLAQAALLYMGSKLTSQDETKELTAIFHKMDKNGDGQLDRAELIEGYKELMRMKGQDASMLDA
SAVEHEVDQVLDAVDFDKNGYIEYSEFVTVAMDRKTLLSRERLERAFRMFDSDNSGKISSTELATIFGVSDVDSETWKSV
LSEVDKNNDGEVDFDEFQQMLLKLCGN
;
_entity_poly.pdbx_strand_id   A
#
loop_
_chem_comp.id
_chem_comp.type
_chem_comp.name
_chem_comp.formula
ANP non-polymer 'PHOSPHOAMINOPHOSPHONIC ACID-ADENYLATE ESTER' 'C10 H17 N6 O12 P3'
UNX non-polymer 'UNKNOWN ATOM OR ION' ?
#
# COMPACT_ATOMS: atom_id res chain seq x y z
N THR A 44 -22.88 11.10 19.80
CA THR A 44 -24.26 10.62 19.75
C THR A 44 -24.32 9.19 19.21
N ALA A 45 -23.48 8.89 18.19
CA ALA A 45 -23.39 7.58 17.55
C ALA A 45 -22.00 6.95 17.76
N ILE A 46 -21.98 5.63 18.11
CA ILE A 46 -20.73 4.90 18.35
C ILE A 46 -20.57 3.73 17.37
N PHE A 47 -19.33 3.53 16.89
CA PHE A 47 -18.93 2.53 15.91
C PHE A 47 -19.28 1.07 16.20
N SER A 48 -18.89 0.54 17.37
CA SER A 48 -19.10 -0.86 17.75
C SER A 48 -20.58 -1.29 17.84
N ASP A 49 -21.52 -0.34 18.08
CA ASP A 49 -22.95 -0.63 18.15
C ASP A 49 -23.55 -0.91 16.76
N ARG A 50 -22.90 -0.38 15.69
CA ARG A 50 -23.37 -0.53 14.32
C ARG A 50 -22.57 -1.51 13.42
N TYR A 51 -21.27 -1.77 13.73
CA TYR A 51 -20.40 -2.66 12.94
C TYR A 51 -19.60 -3.65 13.78
N LYS A 52 -19.15 -4.74 13.13
CA LYS A 52 -18.31 -5.77 13.72
C LYS A 52 -17.19 -6.07 12.73
N GLY A 53 -15.95 -6.03 13.20
CA GLY A 53 -14.76 -6.32 12.40
C GLY A 53 -14.69 -7.78 12.03
N GLN A 54 -14.54 -8.07 10.73
CA GLN A 54 -14.48 -9.44 10.23
C GLN A 54 -13.05 -9.89 10.05
N ARG A 55 -12.22 -9.05 9.40
CA ARG A 55 -10.81 -9.29 9.10
C ARG A 55 -10.11 -8.00 8.63
N VAL A 56 -8.76 -7.96 8.73
CA VAL A 56 -7.97 -6.80 8.28
C VAL A 56 -7.77 -6.85 6.76
N LEU A 57 -8.04 -5.72 6.08
CA LEU A 57 -7.87 -5.58 4.63
C LEU A 57 -6.48 -5.02 4.32
N GLY A 58 -5.89 -4.33 5.31
CA GLY A 58 -4.57 -3.73 5.18
C GLY A 58 -4.25 -2.59 6.12
N LYS A 59 -3.02 -2.10 6.02
CA LYS A 59 -2.47 -0.99 6.80
C LYS A 59 -1.72 -0.04 5.86
N GLY A 60 -1.77 1.25 6.15
CA GLY A 60 -1.13 2.30 5.37
C GLY A 60 -0.65 3.46 6.22
N SER A 61 -0.41 4.61 5.57
CA SER A 61 0.10 5.82 6.24
C SER A 61 -0.87 6.45 7.27
N PHE A 62 -2.20 6.27 7.11
CA PHE A 62 -3.16 6.85 8.07
C PHE A 62 -3.62 5.92 9.19
N GLY A 63 -3.55 4.61 8.95
CA GLY A 63 -3.91 3.59 9.92
C GLY A 63 -4.28 2.26 9.29
N GLU A 64 -5.24 1.56 9.90
CA GLU A 64 -5.69 0.27 9.39
C GLU A 64 -7.00 0.37 8.64
N VAL A 65 -7.16 -0.46 7.60
CA VAL A 65 -8.41 -0.64 6.86
C VAL A 65 -8.92 -2.06 7.22
N ILE A 66 -10.07 -2.13 7.91
CA ILE A 66 -10.67 -3.39 8.38
C ILE A 66 -12.00 -3.67 7.69
N LEU A 67 -12.19 -4.93 7.22
CA LEU A 67 -13.43 -5.39 6.61
C LEU A 67 -14.43 -5.59 7.73
N CYS A 68 -15.52 -4.81 7.68
CA CYS A 68 -16.56 -4.85 8.70
C CYS A 68 -17.92 -5.17 8.08
N LYS A 69 -18.82 -5.72 8.90
CA LYS A 69 -20.17 -6.08 8.52
C LYS A 69 -21.12 -5.31 9.42
N ASP A 70 -22.19 -4.76 8.84
CA ASP A 70 -23.23 -4.06 9.57
C ASP A 70 -23.95 -5.11 10.44
N LYS A 71 -24.16 -4.83 11.73
CA LYS A 71 -24.80 -5.76 12.65
C LYS A 71 -26.30 -6.01 12.37
N ILE A 72 -26.99 -5.07 11.70
CA ILE A 72 -28.41 -5.20 11.33
C ILE A 72 -28.62 -5.71 9.90
N THR A 73 -28.08 -4.98 8.89
CA THR A 73 -28.29 -5.28 7.47
C THR A 73 -27.35 -6.31 6.86
N GLY A 74 -26.27 -6.68 7.59
CA GLY A 74 -25.27 -7.61 7.11
C GLY A 74 -24.37 -7.03 6.03
N GLN A 75 -24.53 -5.73 5.71
CA GLN A 75 -23.72 -5.06 4.69
C GLN A 75 -22.23 -4.97 5.01
N GLU A 76 -21.41 -5.46 4.06
CA GLU A 76 -19.96 -5.44 4.16
C GLU A 76 -19.38 -4.11 3.72
N CYS A 77 -18.35 -3.63 4.41
CA CYS A 77 -17.67 -2.38 4.09
C CYS A 77 -16.25 -2.31 4.61
N ALA A 78 -15.47 -1.38 4.06
CA ALA A 78 -14.08 -1.11 4.44
C ALA A 78 -14.10 0.06 5.44
N VAL A 79 -13.57 -0.15 6.64
CA VAL A 79 -13.50 0.89 7.69
C VAL A 79 -12.05 1.31 7.90
N LYS A 80 -11.76 2.60 7.72
CA LYS A 80 -10.42 3.15 7.97
C LYS A 80 -10.37 3.65 9.41
N VAL A 81 -9.48 3.08 10.20
CA VAL A 81 -9.32 3.44 11.61
C VAL A 81 -8.08 4.36 11.70
N ILE A 82 -8.30 5.61 12.16
CA ILE A 82 -7.24 6.61 12.26
C ILE A 82 -7.07 7.02 13.71
N SER A 83 -5.88 6.74 14.29
CA SER A 83 -5.55 7.13 15.67
C SER A 83 -5.26 8.61 15.71
N LYS A 84 -5.93 9.32 16.63
CA LYS A 84 -5.78 10.77 16.84
C LYS A 84 -4.40 11.12 17.42
N ARG A 85 -3.89 10.29 18.35
CA ARG A 85 -2.58 10.48 19.00
C ARG A 85 -1.44 10.20 18.02
N GLN A 86 -1.66 9.29 17.06
CA GLN A 86 -0.68 8.87 16.05
C GLN A 86 -0.70 9.75 14.79
N VAL A 87 -1.89 10.23 14.37
CA VAL A 87 -2.08 11.06 13.16
C VAL A 87 -2.50 12.50 13.52
N LYS A 88 -1.65 13.48 13.17
CA LYS A 88 -1.88 14.90 13.39
C LYS A 88 -2.95 15.42 12.40
N GLN A 89 -3.88 16.25 12.89
CA GLN A 89 -4.93 16.85 12.06
C GLN A 89 -4.44 18.15 11.46
N LYS A 90 -4.52 18.26 10.11
CA LYS A 90 -4.10 19.43 9.33
C LYS A 90 -5.10 20.59 9.46
N THR A 91 -6.39 20.26 9.68
CA THR A 91 -7.46 21.25 9.82
C THR A 91 -8.17 21.06 11.17
N ASP A 92 -9.02 22.04 11.56
CA ASP A 92 -9.83 21.94 12.78
C ASP A 92 -10.97 20.96 12.51
N LYS A 93 -11.49 20.29 13.56
CA LYS A 93 -12.57 19.30 13.45
C LYS A 93 -13.79 19.75 12.64
N GLU A 94 -14.13 21.06 12.69
CA GLU A 94 -15.25 21.67 11.95
C GLU A 94 -15.07 21.59 10.43
N SER A 95 -13.84 21.79 9.95
CA SER A 95 -13.51 21.71 8.52
C SER A 95 -13.52 20.25 8.04
N LEU A 96 -13.16 19.31 8.92
CA LEU A 96 -13.18 17.88 8.64
C LEU A 96 -14.63 17.38 8.55
N LEU A 97 -15.48 17.78 9.53
CA LEU A 97 -16.89 17.41 9.60
C LEU A 97 -17.70 17.94 8.42
N ARG A 98 -17.29 19.07 7.86
CA ARG A 98 -17.91 19.66 6.69
C ARG A 98 -17.57 18.89 5.41
N GLU A 99 -16.28 18.56 5.18
CA GLU A 99 -15.87 17.80 3.99
C GLU A 99 -16.48 16.41 3.99
N VAL A 100 -16.55 15.78 5.19
CA VAL A 100 -17.13 14.47 5.41
C VAL A 100 -18.58 14.45 4.93
N GLN A 101 -19.38 15.48 5.33
CA GLN A 101 -20.79 15.63 4.92
C GLN A 101 -20.88 15.78 3.40
N LEU A 102 -19.93 16.49 2.78
CA LEU A 102 -19.90 16.64 1.32
C LEU A 102 -19.59 15.30 0.63
N LEU A 103 -18.58 14.55 1.12
CA LEU A 103 -18.19 13.25 0.57
C LEU A 103 -19.32 12.21 0.63
N LYS A 104 -20.16 12.29 1.69
CA LYS A 104 -21.32 11.40 1.89
C LYS A 104 -22.38 11.63 0.80
N GLN A 105 -22.50 12.87 0.32
CA GLN A 105 -23.47 13.27 -0.69
C GLN A 105 -23.01 12.98 -2.11
N LEU A 106 -21.70 12.71 -2.32
CA LEU A 106 -21.14 12.46 -3.65
C LEU A 106 -21.22 11.02 -4.10
N ASP A 107 -21.40 10.81 -5.41
CA ASP A 107 -21.52 9.48 -5.99
C ASP A 107 -20.93 9.48 -7.37
N HIS A 108 -19.95 8.60 -7.60
CA HIS A 108 -19.36 8.45 -8.92
C HIS A 108 -18.94 7.00 -9.10
N PRO A 109 -19.15 6.36 -10.27
CA PRO A 109 -18.75 4.95 -10.41
C PRO A 109 -17.26 4.67 -10.28
N ASN A 110 -16.42 5.71 -10.45
CA ASN A 110 -14.97 5.61 -10.34
C ASN A 110 -14.36 6.17 -9.02
N ILE A 111 -15.18 6.37 -8.00
CA ILE A 111 -14.76 6.89 -6.69
C ILE A 111 -15.30 5.99 -5.56
N MET A 112 -14.45 5.64 -4.57
CA MET A 112 -14.87 4.88 -3.39
C MET A 112 -15.89 5.67 -2.59
N LYS A 113 -17.03 5.03 -2.31
CA LYS A 113 -18.13 5.63 -1.59
C LYS A 113 -17.89 5.69 -0.10
N LEU A 114 -17.99 6.90 0.49
CA LEU A 114 -17.93 7.10 1.93
C LEU A 114 -19.37 7.05 2.44
N TYR A 115 -19.67 6.04 3.28
CA TYR A 115 -21.01 5.82 3.84
C TYR A 115 -21.27 6.65 5.11
N GLU A 116 -20.38 6.51 6.11
CA GLU A 116 -20.49 7.05 7.46
C GLU A 116 -19.13 7.52 8.00
N PHE A 117 -19.18 8.26 9.11
CA PHE A 117 -18.02 8.76 9.85
C PHE A 117 -18.32 8.68 11.34
N PHE A 118 -17.41 8.08 12.09
CA PHE A 118 -17.51 7.94 13.54
C PHE A 118 -16.29 8.51 14.21
N GLU A 119 -16.46 8.86 15.49
CA GLU A 119 -15.39 9.39 16.32
C GLU A 119 -15.60 9.07 17.81
N ASP A 120 -14.51 8.68 18.49
CA ASP A 120 -14.50 8.45 19.94
C ASP A 120 -13.30 9.22 20.52
N LYS A 121 -12.81 8.86 21.73
CA LYS A 121 -11.70 9.54 22.41
C LYS A 121 -10.38 9.59 21.61
N GLY A 122 -9.97 8.48 21.00
CA GLY A 122 -8.71 8.44 20.27
C GLY A 122 -8.71 7.99 18.83
N TYR A 123 -9.89 7.86 18.18
CA TYR A 123 -9.94 7.42 16.79
C TYR A 123 -11.04 8.06 15.96
N PHE A 124 -10.81 8.05 14.64
CA PHE A 124 -11.76 8.43 13.60
C PHE A 124 -12.05 7.11 12.88
N TYR A 125 -13.27 6.94 12.36
CA TYR A 125 -13.66 5.73 11.65
C TYR A 125 -14.29 6.13 10.33
N LEU A 126 -13.61 5.89 9.22
CA LEU A 126 -14.15 6.23 7.91
C LEU A 126 -14.72 4.96 7.31
N VAL A 127 -16.04 4.81 7.39
CA VAL A 127 -16.80 3.66 6.90
C VAL A 127 -17.21 3.93 5.47
N GLY A 128 -16.77 3.09 4.56
CA GLY A 128 -17.08 3.23 3.15
C GLY A 128 -17.21 1.92 2.44
N GLU A 129 -17.33 1.97 1.11
CA GLU A 129 -17.50 0.77 0.30
C GLU A 129 -16.25 -0.14 0.22
N VAL A 130 -16.45 -1.47 0.15
CA VAL A 130 -15.38 -2.45 0.04
C VAL A 130 -15.28 -3.00 -1.40
N TYR A 131 -14.04 -3.11 -1.92
CA TYR A 131 -13.72 -3.66 -3.24
C TYR A 131 -12.77 -4.84 -3.04
N THR A 132 -13.05 -5.94 -3.72
CA THR A 132 -12.28 -7.19 -3.53
C THR A 132 -11.36 -7.55 -4.71
N GLY A 133 -11.37 -6.72 -5.75
CA GLY A 133 -10.57 -6.94 -6.94
C GLY A 133 -9.07 -6.75 -6.82
N GLY A 134 -8.65 -6.09 -5.73
CA GLY A 134 -7.25 -5.79 -5.48
C GLY A 134 -6.75 -4.56 -6.22
N GLU A 135 -5.43 -4.37 -6.21
CA GLU A 135 -4.81 -3.22 -6.85
C GLU A 135 -4.70 -3.40 -8.34
N LEU A 136 -5.04 -2.36 -9.12
CA LEU A 136 -4.98 -2.35 -10.58
C LEU A 136 -3.70 -3.02 -11.14
N PHE A 137 -2.48 -2.58 -10.69
CA PHE A 137 -1.19 -3.08 -11.17
C PHE A 137 -0.96 -4.55 -10.89
N ASP A 138 -1.56 -5.09 -9.81
CA ASP A 138 -1.44 -6.51 -9.44
C ASP A 138 -2.24 -7.37 -10.41
N GLU A 139 -3.26 -6.78 -11.07
CA GLU A 139 -4.03 -7.47 -12.09
C GLU A 139 -3.25 -7.37 -13.40
N ILE A 140 -2.86 -6.16 -13.84
CA ILE A 140 -2.09 -6.01 -15.09
C ILE A 140 -0.91 -7.00 -15.24
N ILE A 141 -0.12 -7.19 -14.18
CA ILE A 141 1.03 -8.11 -14.17
C ILE A 141 0.67 -9.59 -14.46
N SER A 142 -0.64 -9.96 -14.35
CA SER A 142 -1.14 -11.30 -14.63
C SER A 142 -1.52 -11.50 -16.11
N ARG A 143 -1.58 -10.39 -16.90
CA ARG A 143 -1.94 -10.39 -18.33
C ARG A 143 -0.81 -10.84 -19.24
N LYS A 144 -1.16 -11.51 -20.34
CA LYS A 144 -0.20 -11.98 -21.35
C LYS A 144 0.02 -10.89 -22.40
N ARG A 145 -1.05 -10.14 -22.70
CA ARG A 145 -1.05 -9.00 -23.62
C ARG A 145 -1.63 -7.75 -22.93
N PHE A 146 -1.16 -6.56 -23.34
CA PHE A 146 -1.62 -5.25 -22.84
C PHE A 146 -1.45 -4.25 -23.95
N SER A 147 -2.54 -3.61 -24.38
CA SER A 147 -2.50 -2.66 -25.50
C SER A 147 -2.73 -1.19 -25.06
N GLU A 148 -2.64 -0.24 -26.02
CA GLU A 148 -2.93 1.18 -25.82
C GLU A 148 -4.40 1.40 -25.47
N VAL A 149 -5.28 0.49 -25.94
CA VAL A 149 -6.72 0.51 -25.68
C VAL A 149 -6.95 0.18 -24.19
N ASP A 150 -6.28 -0.87 -23.70
CA ASP A 150 -6.32 -1.34 -22.33
C ASP A 150 -5.96 -0.21 -21.36
N ALA A 151 -4.81 0.47 -21.61
CA ALA A 151 -4.28 1.61 -20.85
C ALA A 151 -5.24 2.80 -20.89
N ALA A 152 -5.85 3.10 -22.07
CA ALA A 152 -6.76 4.23 -22.27
C ALA A 152 -8.05 4.04 -21.55
N ARG A 153 -8.59 2.82 -21.58
CA ARG A 153 -9.82 2.47 -20.90
C ARG A 153 -9.58 2.55 -19.40
N ILE A 154 -8.37 2.15 -18.93
CA ILE A 154 -7.97 2.28 -17.53
C ILE A 154 -7.89 3.78 -17.17
N ILE A 155 -7.17 4.58 -17.99
CA ILE A 155 -6.97 5.99 -17.72
C ILE A 155 -8.20 6.89 -17.82
N ARG A 156 -9.21 6.50 -18.64
CA ARG A 156 -10.48 7.24 -18.78
C ARG A 156 -11.26 7.10 -17.47
N GLN A 157 -11.23 5.89 -16.87
CA GLN A 157 -11.88 5.61 -15.60
C GLN A 157 -11.31 6.50 -14.52
N VAL A 158 -9.97 6.57 -14.43
CA VAL A 158 -9.26 7.38 -13.45
C VAL A 158 -9.63 8.84 -13.68
N LEU A 159 -9.48 9.31 -14.94
CA LEU A 159 -9.83 10.67 -15.34
C LEU A 159 -11.26 11.09 -15.04
N SER A 160 -12.28 10.19 -15.24
CA SER A 160 -13.70 10.53 -14.98
C SER A 160 -13.91 10.80 -13.51
N GLY A 161 -13.37 9.94 -12.64
CA GLY A 161 -13.43 10.09 -11.19
C GLY A 161 -12.80 11.40 -10.70
N ILE A 162 -11.61 11.73 -11.24
CA ILE A 162 -10.88 12.97 -10.92
C ILE A 162 -11.72 14.23 -11.29
N THR A 163 -12.30 14.24 -12.53
CA THR A 163 -13.10 15.33 -13.10
C THR A 163 -14.28 15.66 -12.15
N TYR A 164 -15.00 14.62 -11.71
CA TYR A 164 -16.15 14.71 -10.81
C TYR A 164 -15.75 15.28 -9.45
N MET A 165 -14.66 14.73 -8.86
CA MET A 165 -14.13 15.20 -7.58
C MET A 165 -13.68 16.65 -7.68
N HIS A 166 -12.97 17.01 -8.78
CA HIS A 166 -12.53 18.40 -8.99
C HIS A 166 -13.73 19.36 -9.12
N LYS A 167 -14.83 18.91 -9.76
CA LYS A 167 -16.07 19.71 -9.91
C LYS A 167 -16.63 20.09 -8.54
N ASN A 168 -16.43 19.17 -7.56
CA ASN A 168 -16.85 19.29 -6.16
C ASN A 168 -15.75 19.82 -5.28
N LYS A 169 -14.72 20.45 -5.91
CA LYS A 169 -13.56 21.09 -5.29
C LYS A 169 -12.75 20.19 -4.32
N ILE A 170 -12.69 18.89 -4.66
CA ILE A 170 -11.96 17.88 -3.88
C ILE A 170 -10.73 17.43 -4.63
N VAL A 171 -9.55 17.59 -3.98
CA VAL A 171 -8.23 17.23 -4.52
C VAL A 171 -7.74 15.96 -3.81
N HIS A 172 -7.15 15.01 -4.56
CA HIS A 172 -6.56 13.80 -4.01
C HIS A 172 -5.16 14.12 -3.45
N ARG A 173 -4.26 14.65 -4.30
CA ARG A 173 -2.86 15.02 -4.02
C ARG A 173 -1.88 13.83 -3.98
N ASP A 174 -2.29 12.70 -3.39
CA ASP A 174 -1.43 11.54 -3.21
C ASP A 174 -1.89 10.41 -4.09
N LEU A 175 -2.25 10.72 -5.32
CA LEU A 175 -2.73 9.71 -6.26
C LEU A 175 -1.57 8.82 -6.75
N LYS A 176 -1.75 7.50 -6.61
CA LYS A 176 -0.79 6.46 -6.96
C LYS A 176 -1.47 5.16 -7.36
N PRO A 177 -0.77 4.17 -7.99
CA PRO A 177 -1.42 2.90 -8.38
C PRO A 177 -2.12 2.13 -7.24
N GLU A 178 -1.58 2.20 -6.00
CA GLU A 178 -2.15 1.54 -4.81
C GLU A 178 -3.55 2.08 -4.47
N ASN A 179 -3.85 3.35 -4.85
CA ASN A 179 -5.15 4.00 -4.65
C ASN A 179 -6.16 3.62 -5.73
N LEU A 180 -5.79 2.73 -6.67
CA LEU A 180 -6.66 2.31 -7.75
C LEU A 180 -7.10 0.86 -7.52
N LEU A 181 -8.34 0.69 -7.00
CA LEU A 181 -8.89 -0.63 -6.71
C LEU A 181 -9.88 -1.11 -7.74
N LEU A 182 -9.96 -2.42 -7.90
CA LEU A 182 -10.87 -3.06 -8.84
C LEU A 182 -12.01 -3.72 -8.09
N GLU A 183 -13.17 -3.84 -8.73
CA GLU A 183 -14.29 -4.55 -8.10
C GLU A 183 -14.13 -6.08 -8.20
N SER A 184 -13.40 -6.57 -9.24
CA SER A 184 -13.03 -7.97 -9.49
C SER A 184 -11.61 -8.03 -10.12
N LYS A 185 -10.83 -9.10 -9.83
CA LYS A 185 -9.47 -9.25 -10.36
C LYS A 185 -9.51 -9.79 -11.80
N SER A 186 -9.97 -8.94 -12.72
CA SER A 186 -10.13 -9.24 -14.13
C SER A 186 -9.88 -8.01 -15.00
N LYS A 187 -9.66 -8.25 -16.31
CA LYS A 187 -9.47 -7.23 -17.34
C LYS A 187 -10.85 -6.52 -17.50
N ASP A 188 -10.86 -5.25 -17.95
CA ASP A 188 -12.09 -4.43 -18.16
C ASP A 188 -12.90 -4.12 -16.87
N ALA A 189 -12.44 -4.60 -15.68
CA ALA A 189 -13.14 -4.39 -14.40
C ALA A 189 -13.12 -2.92 -13.99
N ASN A 190 -14.22 -2.49 -13.33
CA ASN A 190 -14.41 -1.11 -12.86
C ASN A 190 -13.36 -0.73 -11.83
N ILE A 191 -12.80 0.50 -11.97
CA ILE A 191 -11.79 1.06 -11.08
C ILE A 191 -12.44 2.05 -10.12
N ARG A 192 -12.13 1.94 -8.83
CA ARG A 192 -12.60 2.88 -7.82
C ARG A 192 -11.37 3.50 -7.17
N ILE A 193 -11.31 4.83 -7.13
CA ILE A 193 -10.20 5.56 -6.52
C ILE A 193 -10.51 5.68 -5.04
N ILE A 194 -9.54 5.25 -4.19
CA ILE A 194 -9.61 5.36 -2.73
C ILE A 194 -8.77 6.58 -2.28
N ASP A 195 -9.09 7.11 -1.10
CA ASP A 195 -8.42 8.22 -0.40
C ASP A 195 -8.59 9.66 -0.90
N PHE A 196 -9.60 9.96 -1.73
CA PHE A 196 -9.81 11.34 -2.16
C PHE A 196 -10.15 12.25 -0.96
N GLY A 197 -9.48 13.41 -0.88
CA GLY A 197 -9.67 14.39 0.21
C GLY A 197 -9.06 14.05 1.56
N LEU A 198 -8.46 12.85 1.70
CA LEU A 198 -7.82 12.42 2.97
C LEU A 198 -6.67 13.37 3.37
N SER A 199 -5.76 13.63 2.42
CA SER A 199 -4.55 14.46 2.46
C SER A 199 -4.76 15.85 3.07
N THR A 200 -5.84 16.53 2.69
CA THR A 200 -6.20 17.88 3.12
C THR A 200 -6.36 18.02 4.63
N HIS A 201 -6.76 16.94 5.33
CA HIS A 201 -7.06 16.92 6.77
C HIS A 201 -6.09 16.11 7.65
N PHE A 202 -5.40 15.13 7.08
CA PHE A 202 -4.50 14.28 7.84
C PHE A 202 -3.05 14.34 7.34
N GLU A 203 -2.12 14.57 8.27
CA GLU A 203 -0.68 14.60 8.02
C GLU A 203 -0.20 13.13 7.94
N ALA A 204 0.25 12.70 6.73
CA ALA A 204 0.70 11.34 6.46
C ALA A 204 1.97 10.90 7.23
N SER A 205 2.12 9.57 7.39
CA SER A 205 3.24 8.88 8.07
C SER A 205 4.57 9.09 7.32
N LYS A 206 5.55 9.68 8.02
CA LYS A 206 6.90 9.95 7.50
C LYS A 206 7.82 8.70 7.56
N LYS A 207 7.32 7.59 8.09
CA LYS A 207 8.04 6.31 8.17
C LYS A 207 8.21 5.73 6.75
N MET A 208 9.44 5.26 6.44
CA MET A 208 9.82 4.69 5.14
C MET A 208 8.87 3.61 4.60
N LYS A 209 8.36 2.72 5.49
CA LYS A 209 7.39 1.67 5.14
C LYS A 209 6.15 2.24 4.43
N ASP A 210 5.78 3.49 4.78
CA ASP A 210 4.64 4.19 4.19
C ASP A 210 5.01 5.10 3.03
N LYS A 211 6.28 5.54 2.98
CA LYS A 211 6.82 6.39 1.93
C LYS A 211 7.17 5.68 0.60
N ILE A 212 7.25 4.31 0.56
N ILE A 212 7.34 4.33 0.57
CA ILE A 212 7.58 3.51 -0.63
CA ILE A 212 7.71 3.61 -0.66
C ILE A 212 6.57 3.70 -1.75
C ILE A 212 6.62 3.67 -1.74
N GLY A 213 7.05 3.99 -2.96
CA GLY A 213 6.20 4.14 -4.13
C GLY A 213 5.43 5.43 -4.17
N THR A 214 5.91 6.47 -3.47
CA THR A 214 5.23 7.74 -3.43
C THR A 214 5.92 8.82 -4.25
N ALA A 215 7.25 8.85 -4.26
CA ALA A 215 8.05 9.89 -4.94
C ALA A 215 7.82 9.95 -6.45
N TYR A 216 7.48 8.80 -7.06
CA TYR A 216 7.27 8.68 -8.50
C TYR A 216 6.13 9.54 -9.02
N TYR A 217 5.05 9.63 -8.23
CA TYR A 217 3.75 10.23 -8.54
C TYR A 217 3.49 11.65 -8.14
N ILE A 218 4.15 12.13 -7.08
CA ILE A 218 3.99 13.47 -6.52
C ILE A 218 4.28 14.59 -7.56
N ALA A 219 3.36 15.56 -7.71
CA ALA A 219 3.52 16.70 -8.62
C ALA A 219 4.64 17.60 -8.06
N PRO A 220 5.46 18.27 -8.92
CA PRO A 220 6.54 19.12 -8.39
C PRO A 220 6.08 20.30 -7.52
N GLU A 221 4.90 20.85 -7.80
CA GLU A 221 4.37 21.98 -7.03
C GLU A 221 3.91 21.57 -5.62
N VAL A 222 3.64 20.26 -5.39
CA VAL A 222 3.28 19.75 -4.07
C VAL A 222 4.54 19.78 -3.18
N LEU A 223 5.70 19.45 -3.78
CA LEU A 223 7.02 19.50 -3.12
C LEU A 223 7.35 20.92 -2.61
N HIS A 224 7.09 21.96 -3.44
CA HIS A 224 7.37 23.36 -3.11
C HIS A 224 6.30 24.09 -2.30
N GLY A 225 5.12 23.46 -2.09
CA GLY A 225 4.10 24.01 -1.22
C GLY A 225 2.86 24.64 -1.83
N THR A 226 2.94 25.20 -3.09
CA THR A 226 1.76 25.80 -3.75
C THR A 226 1.23 24.82 -4.78
N TYR A 227 0.01 24.32 -4.55
CA TYR A 227 -0.65 23.37 -5.43
C TYR A 227 -2.17 23.50 -5.37
N ASP A 228 -2.83 22.95 -6.38
CA ASP A 228 -4.29 22.92 -6.54
C ASP A 228 -4.64 21.57 -7.18
N GLU A 229 -5.85 21.40 -7.73
CA GLU A 229 -6.32 20.17 -8.39
C GLU A 229 -5.45 19.67 -9.53
N LYS A 230 -4.71 20.59 -10.21
CA LYS A 230 -3.81 20.24 -11.33
C LYS A 230 -2.76 19.20 -10.95
N CYS A 231 -2.43 19.11 -9.64
CA CYS A 231 -1.47 18.13 -9.14
C CYS A 231 -1.95 16.67 -9.39
N ASP A 232 -3.30 16.45 -9.41
CA ASP A 232 -3.89 15.13 -9.70
C ASP A 232 -3.70 14.69 -11.15
N VAL A 233 -3.73 15.65 -12.10
CA VAL A 233 -3.50 15.44 -13.55
C VAL A 233 -2.08 14.91 -13.76
N TRP A 234 -1.10 15.58 -13.13
CA TRP A 234 0.31 15.21 -13.15
C TRP A 234 0.49 13.75 -12.70
N SER A 235 -0.10 13.38 -11.54
CA SER A 235 -0.01 12.00 -11.00
C SER A 235 -0.60 10.97 -11.99
N THR A 236 -1.72 11.33 -12.63
CA THR A 236 -2.39 10.50 -13.62
C THR A 236 -1.51 10.34 -14.85
N GLY A 237 -0.82 11.41 -15.24
CA GLY A 237 0.13 11.40 -16.35
C GLY A 237 1.28 10.44 -16.11
N VAL A 238 1.81 10.42 -14.87
CA VAL A 238 2.88 9.48 -14.43
C VAL A 238 2.39 8.01 -14.53
N ILE A 239 1.16 7.73 -14.06
CA ILE A 239 0.52 6.39 -14.12
C ILE A 239 0.42 5.95 -15.62
N LEU A 240 -0.08 6.87 -16.47
CA LEU A 240 -0.21 6.67 -17.90
C LEU A 240 1.14 6.28 -18.55
N TYR A 241 2.21 7.10 -18.33
CA TYR A 241 3.58 6.85 -18.79
C TYR A 241 4.05 5.40 -18.41
N ILE A 242 3.77 4.97 -17.14
CA ILE A 242 4.08 3.63 -16.63
C ILE A 242 3.22 2.58 -17.33
N LEU A 243 1.91 2.83 -17.52
CA LEU A 243 1.03 1.90 -18.28
C LEU A 243 1.57 1.60 -19.69
N LEU A 244 2.07 2.64 -20.39
CA LEU A 244 2.60 2.57 -21.75
C LEU A 244 4.06 2.14 -21.92
N SER A 245 4.88 2.18 -20.84
CA SER A 245 6.30 1.82 -20.92
C SER A 245 6.80 0.86 -19.85
N GLY A 246 6.08 0.80 -18.71
CA GLY A 246 6.47 0.00 -17.56
C GLY A 246 7.60 0.62 -16.78
N CYS A 247 7.93 1.89 -17.07
CA CYS A 247 8.99 2.65 -16.41
C CYS A 247 8.49 3.98 -15.88
N PRO A 248 8.86 4.37 -14.65
CA PRO A 248 8.48 5.71 -14.17
C PRO A 248 9.20 6.79 -14.99
N PRO A 249 8.54 7.90 -15.40
CA PRO A 249 9.27 8.96 -16.14
C PRO A 249 10.39 9.60 -15.30
N PHE A 250 10.21 9.68 -13.98
CA PHE A 250 11.15 10.25 -13.02
C PHE A 250 11.54 9.10 -12.10
N ASN A 251 12.70 8.53 -12.39
CA ASN A 251 13.27 7.36 -11.72
C ASN A 251 14.59 7.69 -11.02
N GLY A 252 15.07 6.78 -10.18
CA GLY A 252 16.32 6.96 -9.45
C GLY A 252 16.58 5.83 -8.46
N ALA A 253 17.81 5.77 -7.93
CA ALA A 253 18.26 4.75 -6.97
C ALA A 253 17.50 4.79 -5.62
N ASN A 254 17.33 5.99 -5.06
CA ASN A 254 16.64 6.19 -3.80
C ASN A 254 15.57 7.30 -3.93
N GLU A 255 14.81 7.53 -2.85
CA GLU A 255 13.74 8.54 -2.76
C GLU A 255 14.19 9.95 -3.18
N TYR A 256 15.28 10.47 -2.60
CA TYR A 256 15.83 11.80 -2.92
C TYR A 256 16.12 11.95 -4.42
N ASP A 257 16.80 10.94 -5.02
CA ASP A 257 17.14 10.90 -6.44
C ASP A 257 15.93 11.01 -7.35
N ILE A 258 14.82 10.36 -6.99
CA ILE A 258 13.55 10.40 -7.71
C ILE A 258 12.96 11.79 -7.55
N LEU A 259 12.97 12.32 -6.31
CA LEU A 259 12.41 13.63 -6.01
C LEU A 259 13.14 14.73 -6.78
N LYS A 260 14.48 14.57 -6.97
CA LYS A 260 15.35 15.46 -7.75
C LYS A 260 14.88 15.53 -9.18
N LYS A 261 14.62 14.35 -9.79
CA LYS A 261 14.12 14.21 -11.15
C LYS A 261 12.75 14.88 -11.29
N VAL A 262 11.81 14.60 -10.36
CA VAL A 262 10.44 15.16 -10.33
C VAL A 262 10.46 16.68 -10.32
N GLU A 263 11.22 17.23 -9.37
CA GLU A 263 11.43 18.64 -9.11
C GLU A 263 11.94 19.41 -10.35
N LYS A 264 12.87 18.81 -11.14
CA LYS A 264 13.33 19.45 -12.37
C LYS A 264 12.27 19.28 -13.46
N GLY A 265 11.46 18.23 -13.34
CA GLY A 265 10.36 17.93 -14.26
C GLY A 265 10.71 17.48 -15.66
N LYS A 266 12.01 17.21 -15.92
CA LYS A 266 12.45 16.76 -17.24
C LYS A 266 12.41 15.23 -17.32
N TYR A 267 11.84 14.72 -18.41
CA TYR A 267 11.65 13.31 -18.73
C TYR A 267 11.71 13.16 -20.25
N THR A 268 11.85 11.91 -20.76
CA THR A 268 11.92 11.69 -22.21
C THR A 268 11.11 10.48 -22.64
N PHE A 269 10.90 10.34 -23.96
CA PHE A 269 10.29 9.17 -24.58
C PHE A 269 11.40 8.37 -25.30
N GLU A 270 12.66 8.58 -24.88
CA GLU A 270 13.90 7.96 -25.39
C GLU A 270 14.05 6.43 -25.25
N LEU A 271 13.13 5.76 -24.53
CA LEU A 271 13.17 4.32 -24.33
C LEU A 271 12.71 3.57 -25.59
N PRO A 272 13.34 2.41 -25.91
CA PRO A 272 12.97 1.67 -27.15
C PRO A 272 11.52 1.25 -27.31
N GLN A 273 10.80 1.07 -26.18
CA GLN A 273 9.40 0.69 -26.16
C GLN A 273 8.47 1.82 -26.57
N TRP A 274 8.96 3.07 -26.53
CA TRP A 274 8.14 4.23 -26.94
C TRP A 274 8.00 4.30 -28.45
N LYS A 275 8.86 3.58 -29.20
CA LYS A 275 8.80 3.49 -30.67
C LYS A 275 7.48 2.86 -31.11
N LYS A 276 6.96 1.91 -30.30
CA LYS A 276 5.72 1.19 -30.51
C LYS A 276 4.46 1.88 -29.95
N VAL A 277 4.60 3.10 -29.39
CA VAL A 277 3.47 3.84 -28.83
C VAL A 277 3.06 4.97 -29.79
N SER A 278 1.74 5.18 -29.97
CA SER A 278 1.18 6.23 -30.82
C SER A 278 1.62 7.60 -30.37
N GLU A 279 1.73 8.54 -31.33
CA GLU A 279 2.10 9.93 -31.06
C GLU A 279 1.01 10.67 -30.25
N SER A 280 -0.27 10.27 -30.42
N SER A 280 -0.27 10.26 -30.42
CA SER A 280 -1.42 10.86 -29.72
CA SER A 280 -1.43 10.83 -29.73
C SER A 280 -1.35 10.63 -28.21
C SER A 280 -1.36 10.63 -28.22
N ALA A 281 -0.88 9.43 -27.79
CA ALA A 281 -0.71 9.05 -26.38
C ALA A 281 0.41 9.91 -25.77
N LYS A 282 1.53 10.11 -26.52
CA LYS A 282 2.69 10.94 -26.13
C LYS A 282 2.26 12.38 -25.92
N ASP A 283 1.39 12.89 -26.79
CA ASP A 283 0.86 14.26 -26.75
C ASP A 283 -0.03 14.53 -25.53
N LEU A 284 -0.75 13.51 -25.04
CA LEU A 284 -1.59 13.62 -23.86
C LEU A 284 -0.69 13.70 -22.60
N ILE A 285 0.32 12.79 -22.52
CA ILE A 285 1.35 12.73 -21.47
C ILE A 285 2.06 14.07 -21.35
N ARG A 286 2.52 14.65 -22.48
CA ARG A 286 3.20 15.95 -22.52
C ARG A 286 2.35 17.05 -21.90
N LYS A 287 1.02 17.01 -22.16
CA LYS A 287 0.04 17.97 -21.62
C LYS A 287 -0.21 17.71 -20.12
N MET A 288 -0.22 16.42 -19.70
CA MET A 288 -0.44 16.07 -18.30
C MET A 288 0.82 16.32 -17.43
N LEU A 289 2.00 16.17 -18.03
CA LEU A 289 3.26 16.38 -17.34
C LEU A 289 3.85 17.75 -17.66
N THR A 290 2.96 18.72 -17.96
CA THR A 290 3.35 20.13 -18.21
C THR A 290 3.68 20.73 -16.86
N TYR A 291 4.91 21.26 -16.70
CA TYR A 291 5.45 21.81 -15.46
C TYR A 291 4.60 22.84 -14.72
N VAL A 292 4.26 23.96 -15.38
CA VAL A 292 3.46 25.03 -14.77
C VAL A 292 1.98 24.58 -14.68
N PRO A 293 1.40 24.50 -13.46
CA PRO A 293 0.00 24.01 -13.33
C PRO A 293 -1.07 24.77 -14.13
N SER A 294 -0.88 26.10 -14.34
CA SER A 294 -1.83 26.89 -15.12
C SER A 294 -1.81 26.45 -16.61
N MET A 295 -0.60 26.12 -17.12
N MET A 295 -0.61 26.13 -17.13
CA MET A 295 -0.29 25.66 -18.47
CA MET A 295 -0.39 25.66 -18.49
C MET A 295 -0.60 24.16 -18.69
C MET A 295 -0.88 24.21 -18.67
N ARG A 296 -0.85 23.40 -17.58
CA ARG A 296 -1.21 21.97 -17.58
C ARG A 296 -2.70 21.74 -17.83
N ILE A 297 -3.01 20.71 -18.61
CA ILE A 297 -4.36 20.31 -19.01
C ILE A 297 -5.22 19.90 -17.81
N SER A 298 -6.51 20.21 -17.85
CA SER A 298 -7.41 19.84 -16.77
C SER A 298 -7.81 18.35 -16.93
N ALA A 299 -8.40 17.78 -15.87
CA ALA A 299 -8.88 16.40 -15.90
C ALA A 299 -10.02 16.29 -16.92
N ARG A 300 -10.87 17.33 -16.99
CA ARG A 300 -12.00 17.49 -17.90
C ARG A 300 -11.54 17.50 -19.36
N ASP A 301 -10.52 18.33 -19.69
CA ASP A 301 -9.98 18.45 -21.05
C ASP A 301 -9.18 17.25 -21.49
N ALA A 302 -8.59 16.49 -20.53
CA ALA A 302 -7.83 15.26 -20.82
C ALA A 302 -8.80 14.18 -21.32
N LEU A 303 -10.08 14.19 -20.85
CA LEU A 303 -11.13 13.26 -21.29
C LEU A 303 -11.53 13.54 -22.73
N ASP A 304 -11.42 14.81 -23.16
CA ASP A 304 -11.74 15.23 -24.52
C ASP A 304 -10.57 15.08 -25.46
N HIS A 305 -9.37 14.68 -24.96
CA HIS A 305 -8.19 14.54 -25.81
C HIS A 305 -8.41 13.41 -26.81
N GLU A 306 -7.93 13.63 -28.04
CA GLU A 306 -7.98 12.75 -29.20
C GLU A 306 -7.69 11.29 -28.82
N TRP A 307 -6.58 11.02 -28.07
CA TRP A 307 -6.20 9.66 -27.66
C TRP A 307 -7.27 8.94 -26.84
N ILE A 308 -7.92 9.66 -25.90
CA ILE A 308 -8.98 9.15 -25.04
C ILE A 308 -10.22 8.82 -25.84
N GLN A 309 -10.77 9.83 -26.54
CA GLN A 309 -11.97 9.71 -27.39
C GLN A 309 -11.84 8.59 -28.45
N THR A 310 -10.63 8.44 -29.06
CA THR A 310 -10.33 7.42 -30.07
C THR A 310 -10.13 6.00 -29.47
N TYR A 311 -9.23 5.86 -28.47
CA TYR A 311 -8.88 4.54 -27.89
C TYR A 311 -9.87 3.95 -26.87
N THR A 312 -10.86 4.74 -26.41
CA THR A 312 -11.88 4.27 -25.45
C THR A 312 -13.24 4.03 -26.13
N LYS A 313 -13.22 3.72 -27.44
CA LYS A 313 -14.43 3.43 -28.19
C LYS A 313 -14.98 2.09 -27.74
N GLU A 314 -16.33 2.00 -27.56
CA GLU A 314 -17.05 0.79 -27.15
C GLU A 314 -16.69 -0.36 -28.10
N GLN A 315 -16.71 -0.10 -29.42
CA GLN A 315 -16.29 -1.03 -30.47
C GLN A 315 -14.91 -0.55 -30.99
N ILE A 316 -13.83 -1.33 -30.70
CA ILE A 316 -12.43 -1.02 -31.07
C ILE A 316 -12.28 -0.73 -32.57
N SER A 317 -11.78 0.49 -32.90
CA SER A 317 -11.56 0.99 -34.26
C SER A 317 -10.05 1.12 -34.57
N VAL A 318 -9.19 0.64 -33.66
CA VAL A 318 -7.74 0.78 -33.85
C VAL A 318 -6.99 -0.53 -33.72
N ASP A 319 -5.71 -0.49 -34.07
CA ASP A 319 -4.79 -1.62 -33.97
C ASP A 319 -4.48 -1.87 -32.50
N VAL A 320 -4.52 -3.15 -32.07
CA VAL A 320 -4.24 -3.51 -30.68
C VAL A 320 -2.93 -4.32 -30.48
N PRO A 321 -1.75 -3.92 -31.06
CA PRO A 321 -0.52 -4.69 -30.76
C PRO A 321 -0.22 -4.64 -29.26
N SER A 322 0.28 -5.75 -28.72
CA SER A 322 0.61 -5.83 -27.31
C SER A 322 1.91 -5.09 -27.03
N LEU A 323 1.92 -4.32 -25.94
CA LEU A 323 3.08 -3.58 -25.47
C LEU A 323 3.83 -4.58 -24.57
N ASP A 324 4.51 -5.56 -25.23
CA ASP A 324 5.24 -6.66 -24.61
C ASP A 324 6.36 -6.24 -23.66
N ASN A 325 7.18 -5.28 -24.10
CA ASN A 325 8.27 -4.78 -23.29
C ASN A 325 7.69 -4.05 -22.04
N ALA A 326 6.58 -3.29 -22.21
CA ALA A 326 5.90 -2.54 -21.13
C ALA A 326 5.39 -3.49 -20.04
N ILE A 327 4.69 -4.57 -20.43
CA ILE A 327 4.15 -5.58 -19.52
C ILE A 327 5.24 -6.29 -18.69
N LEU A 328 6.42 -6.47 -19.30
CA LEU A 328 7.62 -7.08 -18.70
C LEU A 328 8.20 -6.14 -17.63
N ASN A 329 8.35 -4.84 -17.98
CA ASN A 329 8.81 -3.79 -17.09
C ASN A 329 7.83 -3.50 -15.92
N ILE A 330 6.51 -3.55 -16.17
N ILE A 330 6.49 -3.52 -16.15
CA ILE A 330 5.47 -3.33 -15.15
CA ILE A 330 5.49 -3.31 -15.09
C ILE A 330 5.50 -4.44 -14.06
C ILE A 330 5.65 -4.42 -14.03
N ARG A 331 5.85 -5.70 -14.46
CA ARG A 331 6.00 -6.86 -13.57
C ARG A 331 7.26 -6.72 -12.75
N GLN A 332 8.33 -6.23 -13.37
CA GLN A 332 9.61 -6.01 -12.70
C GLN A 332 9.45 -4.85 -11.70
N PHE A 333 8.82 -3.74 -12.13
CA PHE A 333 8.58 -2.58 -11.29
C PHE A 333 7.74 -3.01 -10.09
N GLN A 334 6.60 -3.67 -10.35
CA GLN A 334 5.69 -4.13 -9.31
C GLN A 334 6.37 -5.05 -8.30
N GLY A 335 7.05 -6.08 -8.80
CA GLY A 335 7.77 -7.05 -7.97
C GLY A 335 8.78 -6.39 -7.07
N THR A 336 9.53 -5.39 -7.60
CA THR A 336 10.56 -4.62 -6.86
C THR A 336 9.91 -3.82 -5.77
N GLN A 337 8.76 -3.19 -6.06
CA GLN A 337 7.99 -2.38 -5.10
C GLN A 337 7.53 -3.26 -3.94
N LYS A 338 6.86 -4.39 -4.27
CA LYS A 338 6.30 -5.34 -3.31
C LYS A 338 7.34 -6.00 -2.43
N LEU A 339 8.55 -6.26 -2.96
CA LEU A 339 9.63 -6.83 -2.16
C LEU A 339 10.22 -5.84 -1.18
N ALA A 340 10.38 -4.57 -1.62
CA ALA A 340 10.92 -3.51 -0.74
C ALA A 340 9.92 -3.19 0.37
N GLN A 341 8.59 -3.26 0.06
CA GLN A 341 7.48 -3.09 1.01
C GLN A 341 7.54 -4.24 2.06
N ALA A 342 7.65 -5.49 1.56
CA ALA A 342 7.70 -6.70 2.40
C ALA A 342 8.92 -6.75 3.32
N ALA A 343 10.06 -6.26 2.84
CA ALA A 343 11.32 -6.20 3.61
C ALA A 343 11.15 -5.25 4.82
N LEU A 344 10.62 -4.05 4.59
CA LEU A 344 10.37 -3.10 5.69
C LEU A 344 9.33 -3.62 6.68
N LEU A 345 8.23 -4.27 6.19
CA LEU A 345 7.20 -4.85 7.08
C LEU A 345 7.81 -5.97 7.96
N TYR A 346 8.67 -6.84 7.36
CA TYR A 346 9.37 -7.91 8.07
C TYR A 346 10.29 -7.39 9.17
N MET A 347 11.05 -6.34 8.89
CA MET A 347 11.96 -5.73 9.87
C MET A 347 11.14 -5.05 10.98
N GLY A 348 10.07 -4.37 10.58
CA GLY A 348 9.13 -3.69 11.47
C GLY A 348 8.43 -4.64 12.42
N SER A 349 8.06 -5.83 11.92
N SER A 349 8.06 -5.83 11.92
CA SER A 349 7.36 -6.86 12.68
CA SER A 349 7.37 -6.84 12.72
C SER A 349 8.30 -7.71 13.55
C SER A 349 8.33 -7.52 13.70
N LYS A 350 9.62 -7.57 13.37
CA LYS A 350 10.65 -8.23 14.18
C LYS A 350 10.99 -7.34 15.39
N LEU A 351 10.92 -6.01 15.19
CA LEU A 351 11.10 -5.01 16.24
C LEU A 351 9.86 -4.94 17.18
N THR A 352 8.79 -5.70 16.85
CA THR A 352 7.50 -5.83 17.55
C THR A 352 7.43 -7.22 18.24
N SER A 353 7.87 -8.27 17.55
CA SER A 353 7.93 -9.63 18.08
C SER A 353 8.96 -9.79 19.22
N GLN A 354 9.98 -8.89 19.29
CA GLN A 354 11.01 -8.95 20.35
C GLN A 354 10.50 -8.39 21.67
N ASP A 355 9.60 -7.39 21.60
CA ASP A 355 8.92 -6.77 22.73
C ASP A 355 8.02 -7.84 23.42
N GLU A 356 7.22 -8.55 22.61
CA GLU A 356 6.24 -9.57 22.98
C GLU A 356 6.74 -10.79 23.79
N THR A 357 7.85 -11.44 23.38
CA THR A 357 8.40 -12.65 24.03
C THR A 357 8.78 -12.48 25.50
N LYS A 358 9.29 -11.28 25.87
CA LYS A 358 9.68 -10.96 27.24
C LYS A 358 8.48 -10.45 28.02
N GLU A 359 7.70 -9.51 27.41
CA GLU A 359 6.50 -8.89 28.00
C GLU A 359 5.40 -9.93 28.33
N LEU A 360 5.25 -10.99 27.49
CA LEU A 360 4.25 -12.05 27.68
C LEU A 360 4.64 -12.96 28.83
N THR A 361 5.95 -13.26 29.00
CA THR A 361 6.42 -14.11 30.10
C THR A 361 6.28 -13.39 31.44
N ALA A 362 6.37 -12.03 31.43
CA ALA A 362 6.22 -11.20 32.62
C ALA A 362 4.75 -11.24 33.06
N ILE A 363 3.81 -10.89 32.15
CA ILE A 363 2.36 -10.92 32.34
C ILE A 363 1.94 -12.27 32.95
N PHE A 364 2.36 -13.39 32.32
CA PHE A 364 2.06 -14.77 32.75
C PHE A 364 2.63 -15.09 34.11
N HIS A 365 3.87 -14.63 34.39
CA HIS A 365 4.53 -14.82 35.68
C HIS A 365 3.72 -14.15 36.82
N LYS A 366 3.23 -12.90 36.56
CA LYS A 366 2.40 -12.12 37.49
C LYS A 366 1.11 -12.89 37.84
N MET A 367 0.46 -13.50 36.83
CA MET A 367 -0.77 -14.27 36.92
C MET A 367 -0.61 -15.59 37.67
N ASP A 368 0.63 -16.12 37.72
CA ASP A 368 0.94 -17.38 38.40
C ASP A 368 1.07 -17.20 39.93
N LYS A 369 -0.07 -17.38 40.63
CA LYS A 369 -0.20 -17.26 42.09
C LYS A 369 0.63 -18.32 42.83
N ASN A 370 0.54 -19.59 42.39
CA ASN A 370 1.25 -20.73 42.97
C ASN A 370 2.76 -20.70 42.72
N GLY A 371 3.17 -20.15 41.58
CA GLY A 371 4.56 -20.11 41.14
C GLY A 371 4.96 -21.38 40.43
N ASP A 372 3.95 -22.24 40.08
CA ASP A 372 4.10 -23.54 39.43
C ASP A 372 4.37 -23.52 37.90
N GLY A 373 4.60 -22.33 37.33
CA GLY A 373 4.87 -22.14 35.91
C GLY A 373 3.75 -22.60 35.00
N GLN A 374 2.55 -22.77 35.56
CA GLN A 374 1.37 -23.27 34.86
C GLN A 374 0.18 -22.33 34.96
N LEU A 375 -0.71 -22.40 33.93
CA LEU A 375 -1.93 -21.60 33.80
C LEU A 375 -3.00 -22.38 33.03
N ASP A 376 -4.26 -21.97 33.17
CA ASP A 376 -5.34 -22.61 32.44
C ASP A 376 -5.70 -21.75 31.22
N ARG A 377 -6.54 -22.32 30.32
CA ARG A 377 -7.01 -21.70 29.07
C ARG A 377 -7.49 -20.25 29.23
N ALA A 378 -8.27 -19.97 30.29
CA ALA A 378 -8.80 -18.63 30.59
C ALA A 378 -7.68 -17.64 30.89
N GLU A 379 -6.69 -18.06 31.70
CA GLU A 379 -5.52 -17.29 32.10
C GLU A 379 -4.60 -16.94 30.92
N LEU A 380 -4.37 -17.91 30.02
CA LEU A 380 -3.58 -17.68 28.81
C LEU A 380 -4.31 -16.67 27.93
N ILE A 381 -5.67 -16.79 27.81
CA ILE A 381 -6.52 -15.86 27.05
C ILE A 381 -6.40 -14.43 27.62
N GLU A 382 -6.68 -14.27 28.93
CA GLU A 382 -6.60 -13.01 29.68
C GLU A 382 -5.19 -12.36 29.54
N GLY A 383 -4.16 -13.19 29.52
CA GLY A 383 -2.76 -12.79 29.38
C GLY A 383 -2.35 -12.25 28.01
N TYR A 384 -2.76 -12.94 26.93
CA TYR A 384 -2.51 -12.57 25.54
C TYR A 384 -3.31 -11.28 25.20
N LYS A 385 -4.54 -11.12 25.76
CA LYS A 385 -5.39 -9.93 25.62
C LYS A 385 -4.70 -8.71 26.23
N GLU A 386 -4.08 -8.88 27.41
CA GLU A 386 -3.35 -7.85 28.12
C GLU A 386 -2.16 -7.37 27.29
N LEU A 387 -1.45 -8.30 26.62
CA LEU A 387 -0.31 -8.01 25.74
C LEU A 387 -0.75 -7.15 24.54
N MET A 388 -1.98 -7.40 24.01
CA MET A 388 -2.54 -6.67 22.87
C MET A 388 -3.04 -5.28 23.26
N ARG A 389 -3.71 -5.15 24.43
N ARG A 389 -3.70 -5.16 24.44
CA ARG A 389 -4.26 -3.88 24.94
CA ARG A 389 -4.25 -3.91 24.98
C ARG A 389 -3.20 -2.76 25.07
C ARG A 389 -3.21 -2.79 25.20
N MET A 390 -1.91 -3.15 25.15
CA MET A 390 -0.79 -2.21 25.27
C MET A 390 -0.08 -2.05 23.91
N LYS A 391 -0.83 -1.49 22.94
CA LYS A 391 -0.37 -1.23 21.57
C LYS A 391 -1.14 -0.07 20.91
N GLY A 392 -0.60 0.45 19.80
CA GLY A 392 -1.19 1.53 19.02
C GLY A 392 -1.30 1.20 17.55
N SER A 396 -3.78 -3.16 16.65
CA SER A 396 -4.95 -3.44 15.81
C SER A 396 -6.21 -3.60 16.64
N MET A 397 -7.35 -3.07 16.14
CA MET A 397 -8.65 -3.12 16.80
C MET A 397 -9.27 -4.53 16.86
N LEU A 398 -8.83 -5.44 15.96
CA LEU A 398 -9.27 -6.84 15.86
C LEU A 398 -8.43 -7.85 16.67
N ASP A 399 -7.35 -7.36 17.31
CA ASP A 399 -6.42 -8.19 18.10
C ASP A 399 -7.01 -8.86 19.34
N ALA A 400 -7.98 -8.22 20.03
CA ALA A 400 -8.61 -8.79 21.24
C ALA A 400 -9.52 -9.99 20.89
N SER A 401 -10.35 -9.83 19.84
CA SER A 401 -11.30 -10.85 19.37
C SER A 401 -10.60 -12.04 18.71
N ALA A 402 -9.40 -11.81 18.14
CA ALA A 402 -8.61 -12.83 17.49
C ALA A 402 -7.79 -13.70 18.49
N VAL A 403 -7.65 -13.25 19.76
CA VAL A 403 -6.87 -13.94 20.81
C VAL A 403 -7.26 -15.39 21.08
N GLU A 404 -8.55 -15.64 21.41
CA GLU A 404 -9.09 -16.96 21.73
C GLU A 404 -8.76 -18.06 20.71
N HIS A 405 -8.95 -17.77 19.39
CA HIS A 405 -8.67 -18.71 18.29
C HIS A 405 -7.18 -19.01 18.19
N GLU A 406 -6.33 -18.00 18.43
CA GLU A 406 -4.87 -18.16 18.41
C GLU A 406 -4.38 -19.00 19.62
N VAL A 407 -4.97 -18.76 20.82
CA VAL A 407 -4.67 -19.48 22.06
C VAL A 407 -4.98 -20.96 21.86
N ASP A 408 -6.16 -21.27 21.25
CA ASP A 408 -6.60 -22.63 20.95
C ASP A 408 -5.72 -23.30 19.89
N GLN A 409 -5.23 -22.50 18.91
CA GLN A 409 -4.31 -23.01 17.90
C GLN A 409 -2.95 -23.41 18.50
N VAL A 410 -2.49 -22.67 19.54
CA VAL A 410 -1.24 -22.97 20.27
C VAL A 410 -1.50 -24.23 21.14
N LEU A 411 -2.66 -24.28 21.83
CA LEU A 411 -3.04 -25.40 22.68
C LEU A 411 -3.21 -26.72 21.91
N ASP A 412 -3.54 -26.64 20.61
CA ASP A 412 -3.66 -27.80 19.73
C ASP A 412 -2.31 -28.54 19.61
N ALA A 413 -1.20 -27.79 19.47
CA ALA A 413 0.14 -28.39 19.40
C ALA A 413 0.72 -28.69 20.80
N VAL A 414 0.40 -27.83 21.80
CA VAL A 414 0.88 -27.91 23.20
C VAL A 414 0.16 -28.92 24.11
N ASP A 415 -1.13 -28.68 24.42
CA ASP A 415 -1.93 -29.52 25.30
C ASP A 415 -2.56 -30.69 24.55
N GLY A 420 -6.51 -28.29 30.52
CA GLY A 420 -5.77 -28.58 31.74
C GLY A 420 -4.88 -27.46 32.23
N TYR A 421 -3.80 -27.83 32.96
CA TYR A 421 -2.79 -26.91 33.51
C TYR A 421 -1.60 -26.88 32.55
N ILE A 422 -1.51 -25.79 31.79
CA ILE A 422 -0.52 -25.59 30.74
C ILE A 422 0.69 -24.80 31.20
N GLU A 423 1.90 -25.33 30.91
CA GLU A 423 3.17 -24.66 31.21
C GLU A 423 3.29 -23.46 30.26
N TYR A 424 3.16 -22.25 30.80
CA TYR A 424 3.16 -21.01 30.03
C TYR A 424 4.38 -20.75 29.15
N SER A 425 5.58 -21.21 29.58
CA SER A 425 6.85 -21.09 28.87
C SER A 425 6.76 -21.83 27.51
N GLU A 426 6.20 -23.05 27.54
CA GLU A 426 5.95 -23.89 26.37
C GLU A 426 4.96 -23.15 25.43
N PHE A 427 3.90 -22.52 26.01
CA PHE A 427 2.90 -21.74 25.28
C PHE A 427 3.55 -20.56 24.59
N VAL A 428 4.34 -19.75 25.34
CA VAL A 428 5.05 -18.55 24.87
C VAL A 428 5.95 -18.82 23.65
N THR A 429 6.90 -19.79 23.76
CA THR A 429 7.79 -20.12 22.64
C THR A 429 6.96 -20.52 21.41
N VAL A 430 6.02 -21.50 21.58
CA VAL A 430 5.11 -21.97 20.52
C VAL A 430 4.28 -20.80 19.92
N ALA A 431 3.73 -19.90 20.77
CA ALA A 431 2.96 -18.70 20.33
C ALA A 431 3.79 -17.71 19.53
N MET A 432 5.04 -17.46 19.96
CA MET A 432 5.93 -16.51 19.31
C MET A 432 6.52 -17.10 18.02
N ASP A 433 6.82 -18.41 18.00
CA ASP A 433 7.35 -19.11 16.82
C ASP A 433 6.35 -19.07 15.68
N ARG A 434 5.05 -19.26 15.98
CA ARG A 434 3.97 -19.18 14.99
C ARG A 434 3.95 -17.77 14.37
N LYS A 435 4.15 -16.72 15.20
CA LYS A 435 4.17 -15.32 14.77
C LYS A 435 5.37 -15.03 13.87
N THR A 436 6.52 -15.64 14.23
CA THR A 436 7.80 -15.57 13.52
C THR A 436 7.68 -16.22 12.14
N LEU A 437 7.07 -17.41 12.11
CA LEU A 437 6.84 -18.17 10.91
C LEU A 437 5.95 -17.40 9.93
N LEU A 438 4.75 -16.92 10.39
CA LEU A 438 3.82 -16.14 9.54
C LEU A 438 4.51 -14.92 8.91
N SER A 439 5.38 -14.26 9.69
CA SER A 439 6.17 -13.09 9.29
C SER A 439 7.19 -13.49 8.21
N ARG A 440 7.86 -14.66 8.37
CA ARG A 440 8.83 -15.22 7.43
C ARG A 440 8.16 -15.61 6.09
N GLU A 441 6.97 -16.24 6.16
CA GLU A 441 6.19 -16.71 5.00
C GLU A 441 5.76 -15.56 4.09
N ARG A 442 5.36 -14.43 4.72
CA ARG A 442 4.93 -13.20 4.03
C ARG A 442 6.11 -12.69 3.20
N LEU A 443 7.30 -12.54 3.84
CA LEU A 443 8.55 -12.12 3.19
C LEU A 443 8.94 -13.05 2.04
N GLU A 444 8.81 -14.39 2.25
CA GLU A 444 9.11 -15.44 1.26
C GLU A 444 8.28 -15.32 0.01
N ARG A 445 6.93 -15.17 0.16
CA ARG A 445 5.99 -15.00 -0.97
C ARG A 445 6.45 -13.86 -1.86
N ALA A 446 6.86 -12.73 -1.24
CA ALA A 446 7.38 -11.56 -1.94
C ALA A 446 8.70 -11.87 -2.69
N PHE A 447 9.65 -12.57 -2.03
CA PHE A 447 10.93 -13.00 -2.62
C PHE A 447 10.71 -13.89 -3.83
N ARG A 448 9.84 -14.93 -3.68
CA ARG A 448 9.49 -15.87 -4.76
C ARG A 448 8.87 -15.10 -5.94
N MET A 449 8.00 -14.13 -5.65
CA MET A 449 7.36 -13.29 -6.66
C MET A 449 8.41 -12.47 -7.44
N PHE A 450 9.40 -11.87 -6.76
CA PHE A 450 10.47 -11.08 -7.36
C PHE A 450 11.43 -11.94 -8.21
N ASP A 451 11.67 -13.19 -7.77
CA ASP A 451 12.51 -14.17 -8.45
C ASP A 451 11.73 -14.79 -9.65
N SER A 452 11.57 -13.98 -10.72
CA SER A 452 10.78 -14.33 -11.90
C SER A 452 11.28 -15.55 -12.71
N ASP A 453 12.60 -15.78 -12.74
CA ASP A 453 13.23 -16.91 -13.44
C ASP A 453 13.43 -18.19 -12.54
N ASN A 454 12.89 -18.17 -11.30
CA ASN A 454 12.96 -19.24 -10.30
C ASN A 454 14.41 -19.77 -10.09
N SER A 455 15.38 -18.85 -10.02
CA SER A 455 16.79 -19.18 -9.82
C SER A 455 17.11 -19.38 -8.32
N GLY A 456 16.25 -18.87 -7.46
CA GLY A 456 16.40 -18.99 -6.01
C GLY A 456 17.31 -17.93 -5.40
N LYS A 457 17.89 -17.08 -6.26
CA LYS A 457 18.85 -16.08 -5.84
C LYS A 457 18.52 -14.69 -6.34
N ILE A 458 18.99 -13.70 -5.61
CA ILE A 458 18.90 -12.32 -6.08
C ILE A 458 20.29 -11.71 -6.21
N SER A 459 20.58 -11.15 -7.38
CA SER A 459 21.88 -10.54 -7.68
C SER A 459 22.12 -9.29 -6.85
N SER A 460 23.40 -8.90 -6.69
CA SER A 460 23.85 -7.69 -5.99
C SER A 460 23.26 -6.43 -6.63
N THR A 461 23.06 -6.45 -7.95
CA THR A 461 22.43 -5.39 -8.73
C THR A 461 20.97 -5.24 -8.28
N GLU A 462 20.24 -6.36 -8.14
CA GLU A 462 18.85 -6.36 -7.68
C GLU A 462 18.78 -5.93 -6.22
N LEU A 463 19.76 -6.32 -5.41
CA LEU A 463 19.84 -5.92 -4.00
C LEU A 463 19.96 -4.39 -3.89
N ALA A 464 20.78 -3.76 -4.78
CA ALA A 464 21.03 -2.31 -4.80
C ALA A 464 19.75 -1.56 -5.03
N THR A 465 18.93 -2.04 -5.98
CA THR A 465 17.62 -1.53 -6.35
C THR A 465 16.58 -1.68 -5.22
N ILE A 466 16.44 -2.89 -4.65
CA ILE A 466 15.48 -3.17 -3.56
C ILE A 466 15.79 -2.28 -2.38
N PHE A 467 17.07 -2.29 -1.93
CA PHE A 467 17.52 -1.48 -0.81
C PHE A 467 17.46 0.03 -1.04
N GLY A 468 17.56 0.48 -2.29
CA GLY A 468 17.44 1.88 -2.66
C GLY A 468 16.01 2.37 -2.49
N VAL A 469 15.04 1.54 -2.93
CA VAL A 469 13.60 1.79 -2.79
C VAL A 469 13.18 1.76 -1.29
N SER A 470 13.86 0.94 -0.45
CA SER A 470 13.57 0.81 0.98
C SER A 470 14.43 1.68 1.90
N ASP A 471 15.26 2.54 1.29
CA ASP A 471 16.14 3.51 1.94
C ASP A 471 17.15 2.90 2.91
N VAL A 472 17.77 1.81 2.48
CA VAL A 472 18.82 1.19 3.26
C VAL A 472 20.10 1.62 2.54
N ASP A 473 21.04 2.19 3.34
CA ASP A 473 22.31 2.71 2.84
C ASP A 473 23.15 1.59 2.21
N SER A 474 23.75 1.89 1.05
CA SER A 474 24.56 0.93 0.28
C SER A 474 25.62 0.20 1.10
N GLU A 475 26.51 0.95 1.79
CA GLU A 475 27.58 0.41 2.61
C GLU A 475 27.08 -0.38 3.80
N THR A 476 25.92 0.01 4.37
CA THR A 476 25.27 -0.65 5.50
C THR A 476 24.86 -2.07 5.10
N TRP A 477 24.05 -2.22 4.01
CA TRP A 477 23.61 -3.54 3.50
C TRP A 477 24.76 -4.42 2.99
N LYS A 478 25.75 -3.82 2.28
CA LYS A 478 26.96 -4.47 1.77
C LYS A 478 27.81 -5.08 2.89
N SER A 479 27.88 -4.39 4.07
CA SER A 479 28.62 -4.82 5.25
C SER A 479 27.91 -5.98 5.96
N VAL A 480 26.55 -5.96 5.95
CA VAL A 480 25.69 -6.98 6.57
C VAL A 480 25.85 -8.28 5.74
N LEU A 481 25.94 -8.14 4.41
CA LEU A 481 26.15 -9.21 3.44
C LEU A 481 27.48 -9.99 3.73
N SER A 482 28.60 -9.24 3.94
CA SER A 482 29.92 -9.79 4.25
C SER A 482 29.89 -10.56 5.57
N GLU A 483 29.14 -10.03 6.56
CA GLU A 483 28.96 -10.61 7.88
C GLU A 483 28.15 -11.93 7.82
N VAL A 484 27.12 -12.00 6.94
CA VAL A 484 26.27 -13.20 6.76
C VAL A 484 26.97 -14.35 6.01
N ASP A 485 27.71 -14.03 4.93
CA ASP A 485 28.45 -15.02 4.12
C ASP A 485 29.81 -14.45 3.68
N LYS A 486 30.91 -15.01 4.22
CA LYS A 486 32.29 -14.59 3.89
C LYS A 486 32.65 -14.92 2.44
N ASN A 487 32.11 -16.04 1.92
CA ASN A 487 32.32 -16.50 0.54
C ASN A 487 31.18 -16.06 -0.38
N ASN A 488 30.62 -14.86 -0.12
CA ASN A 488 29.56 -14.27 -0.95
C ASN A 488 30.14 -13.89 -2.32
N ASP A 489 29.35 -14.16 -3.37
CA ASP A 489 29.75 -13.90 -4.75
C ASP A 489 28.65 -13.22 -5.55
N GLY A 490 28.18 -12.09 -5.00
CA GLY A 490 27.17 -11.24 -5.62
C GLY A 490 25.78 -11.83 -5.80
N GLU A 491 25.40 -12.78 -4.94
CA GLU A 491 24.12 -13.47 -4.97
C GLU A 491 23.68 -13.92 -3.59
N VAL A 492 22.39 -13.71 -3.27
CA VAL A 492 21.77 -14.17 -2.03
C VAL A 492 20.57 -15.06 -2.34
N ASP A 493 20.40 -16.11 -1.55
CA ASP A 493 19.23 -16.95 -1.62
C ASP A 493 18.24 -16.36 -0.60
N PHE A 494 17.03 -16.93 -0.48
CA PHE A 494 16.03 -16.38 0.43
C PHE A 494 16.49 -16.24 1.89
N ASP A 495 17.14 -17.29 2.44
CA ASP A 495 17.59 -17.29 3.84
C ASP A 495 18.70 -16.30 4.09
N GLU A 496 19.58 -16.08 3.10
CA GLU A 496 20.64 -15.08 3.23
C GLU A 496 20.03 -13.68 3.22
N PHE A 497 18.98 -13.47 2.39
CA PHE A 497 18.27 -12.18 2.29
C PHE A 497 17.60 -11.83 3.62
N GLN A 498 16.88 -12.81 4.20
CA GLN A 498 16.16 -12.77 5.47
C GLN A 498 17.15 -12.47 6.62
N GLN A 499 18.34 -13.11 6.59
CA GLN A 499 19.43 -12.90 7.55
C GLN A 499 19.92 -11.46 7.47
N MET A 500 20.07 -10.93 6.24
CA MET A 500 20.48 -9.55 5.99
C MET A 500 19.53 -8.52 6.64
N LEU A 501 18.21 -8.70 6.46
CA LEU A 501 17.16 -7.85 7.02
C LEU A 501 17.11 -7.99 8.54
N LEU A 502 17.45 -9.16 9.09
CA LEU A 502 17.48 -9.35 10.54
C LEU A 502 18.58 -8.52 11.16
N LYS A 503 19.78 -8.54 10.53
CA LYS A 503 20.94 -7.75 10.98
C LYS A 503 20.70 -6.24 10.79
N LEU A 504 19.90 -5.86 9.77
CA LEU A 504 19.58 -4.47 9.48
C LEU A 504 18.57 -3.84 10.50
N CYS A 505 17.96 -4.66 11.35
CA CYS A 505 17.04 -4.17 12.39
C CYS A 505 17.50 -4.66 13.77
N GLY A 506 18.83 -4.74 13.92
CA GLY A 506 19.54 -5.17 15.13
C GLY A 506 19.18 -6.54 15.68
N ASN A 507 19.13 -7.59 14.82
CA ASN A 507 18.76 -8.95 15.22
C ASN A 507 19.52 -10.01 14.43
PG ANP B . -7.40 5.39 4.82
PB ANP B . -4.73 4.23 5.25
O1B ANP B . -4.00 3.68 6.41
O2B ANP B . -3.79 5.27 4.39
N3B ANP B . -6.12 5.06 5.88
PA ANP B . -4.67 2.77 2.78
O1A ANP B . -3.18 2.99 2.78
O2A ANP B . -5.42 3.78 1.81
O3A ANP B . -5.17 2.90 4.35
O5' ANP B . -5.02 1.26 2.28
C5' ANP B . -4.31 0.29 3.06
C4' ANP B . -4.84 -1.11 2.77
O4' ANP B . -6.28 -1.17 2.88
C3' ANP B . -4.42 -1.67 1.38
O3' ANP B . -4.02 -3.05 1.54
C2' ANP B . -5.74 -1.74 0.60
O2' ANP B . -5.79 -1.04 -0.60
C1' ANP B . -6.90 -1.56 1.63
N9 ANP B . -8.14 -0.82 1.28
C8 ANP B . -8.38 0.52 1.51
N7 ANP B . -9.56 0.86 1.13
C5 ANP B . -10.19 -0.23 0.66
C6 ANP B . -11.50 -0.50 0.13
N6 ANP B . -12.39 0.51 0.01
N1 ANP B . -11.83 -1.74 -0.26
C2 ANP B . -10.95 -2.74 -0.12
N3 ANP B . -9.71 -2.56 0.36
C4 ANP B . -9.28 -1.33 0.75
UNK UNX C . -0.22 -21.47 38.68
UNK UNX D . 8.91 -16.93 -9.16
UNK UNX E . 16.43 -14.57 -9.99
#